data_3UIM
#
_entry.id   3UIM
#
_cell.length_a   70.110
_cell.length_b   74.700
_cell.length_c   71.924
_cell.angle_alpha   90.00
_cell.angle_beta   93.72
_cell.angle_gamma   90.00
#
_symmetry.space_group_name_H-M   'C 1 2 1'
#
loop_
_entity.id
_entity.type
_entity.pdbx_description
1 polymer 'BRASSINOSTEROID INSENSITIVE 1-associated receptor kinase 1'
2 non-polymer 'PHOSPHOAMINOPHOSPHONIC ACID-ADENYLATE ESTER'
3 water water
#
_entity_poly.entity_id   1
_entity_poly.type   'polypeptide(L)'
_entity_poly.pdbx_seq_one_letter_code
;FFDVPAEEDPEVHLGQLKRFSLRELQVASDNF(SEP)NKNILGRGGFGKVYKGRLADG(TPO)LVAVKRLKEERTQGGEL
QFQTEVEMISMAVHRNLLRLRGFCMTPTERLLVYPYMANGSVASCLRERPESQPPLDWPKRQRIALGSARGLAYLHDHCD
PKIIHRDVKAANILLDEEFEAVVGDFGLAKLMDYKD(TPO)HV(TPO)(TPO)AVRG(TPO)IGHIAPEYLSTGKSSEKT
DVFGYGVMLLELITGQRAFDLARLANDDDVMLLDWVKGLLKEKKLEALVDVDLQGNYKDEEVEQLIQVALLCTQSSPMER
PKMSEVVRMLEGDGLAERWEEWQKEEMFRQ
;
_entity_poly.pdbx_strand_id   A
#
loop_
_chem_comp.id
_chem_comp.type
_chem_comp.name
_chem_comp.formula
ANP non-polymer 'PHOSPHOAMINOPHOSPHONIC ACID-ADENYLATE ESTER' 'C10 H17 N6 O12 P3'
#
# COMPACT_ATOMS: atom_id res chain seq x y z
N GLY A 15 -16.21 21.55 -12.00
CA GLY A 15 -15.85 21.86 -10.63
C GLY A 15 -15.02 20.75 -10.01
N GLN A 16 -15.69 19.86 -9.28
CA GLN A 16 -15.12 18.63 -8.73
C GLN A 16 -15.43 18.39 -7.26
N LEU A 17 -15.28 17.14 -6.85
CA LEU A 17 -15.57 16.69 -5.49
C LEU A 17 -17.08 16.50 -5.31
N LYS A 18 -17.50 15.25 -5.31
CA LYS A 18 -18.92 14.90 -5.42
C LYS A 18 -19.64 14.77 -4.07
N ARG A 19 -20.65 15.60 -3.90
CA ARG A 19 -21.55 15.56 -2.75
C ARG A 19 -22.61 14.49 -3.00
N PHE A 20 -22.56 13.39 -2.24
CA PHE A 20 -23.52 12.32 -2.42
C PHE A 20 -24.52 12.23 -1.28
N SER A 21 -25.65 11.57 -1.55
CA SER A 21 -26.72 11.45 -0.56
C SER A 21 -26.98 9.99 -0.24
N LEU A 22 -26.42 9.53 0.88
CA LEU A 22 -26.56 8.16 1.37
C LEU A 22 -27.42 7.27 0.49
N ARG A 23 -28.71 7.58 0.41
CA ARG A 23 -29.64 6.72 -0.31
C ARG A 23 -29.18 6.50 -1.75
N GLU A 24 -28.95 7.59 -2.47
CA GLU A 24 -28.48 7.50 -3.85
C GLU A 24 -27.12 6.80 -3.93
N LEU A 25 -26.78 6.07 -2.88
CA LEU A 25 -25.61 5.20 -2.91
C LEU A 25 -25.82 3.96 -2.05
N GLN A 26 -27.00 3.89 -1.41
CA GLN A 26 -27.45 2.63 -0.86
C GLN A 26 -27.81 1.77 -2.06
N VAL A 27 -28.53 2.37 -3.00
CA VAL A 27 -28.98 1.67 -4.19
C VAL A 27 -27.79 1.32 -5.07
N ALA A 28 -26.88 2.28 -5.22
CA ALA A 28 -25.67 2.06 -5.99
C ALA A 28 -24.91 0.87 -5.42
N SER A 29 -25.05 0.67 -4.11
CA SER A 29 -24.47 -0.49 -3.47
C SER A 29 -25.53 -1.57 -3.32
N ASP A 30 -26.64 -1.40 -4.04
CA ASP A 30 -27.80 -2.27 -3.87
C ASP A 30 -28.13 -2.38 -2.39
N ASN A 31 -28.65 -1.29 -1.84
CA ASN A 31 -28.92 -1.24 -0.40
C ASN A 31 -27.72 -1.74 0.38
N PHE A 32 -26.53 -1.48 -0.17
CA PHE A 32 -25.28 -1.81 0.49
C PHE A 32 -24.96 -3.30 0.56
N SEP A 33 -24.99 -3.82 1.79
CA SEP A 33 -24.28 -5.02 2.15
CB SEP A 33 -24.66 -5.33 3.55
OG SEP A 33 -23.67 -5.24 4.50
C SEP A 33 -24.43 -6.27 1.33
O SEP A 33 -25.11 -6.33 0.31
P SEP A 33 -23.86 -6.04 5.83
O1P SEP A 33 -25.06 -5.48 6.55
O2P SEP A 33 -24.10 -7.49 5.46
O3P SEP A 33 -22.63 -5.90 6.70
N ASN A 34 -23.72 -7.28 1.81
CA ASN A 34 -23.83 -8.68 1.35
C ASN A 34 -22.90 -9.12 0.24
N LYS A 35 -23.42 -9.26 -0.97
CA LYS A 35 -22.62 -9.72 -2.11
C LYS A 35 -21.88 -8.55 -2.75
N ASN A 36 -21.72 -7.48 -1.99
CA ASN A 36 -21.09 -6.28 -2.48
C ASN A 36 -19.83 -5.95 -1.68
N ILE A 37 -19.55 -6.80 -0.68
CA ILE A 37 -18.38 -6.61 0.16
C ILE A 37 -17.10 -7.07 -0.51
N LEU A 38 -16.25 -6.12 -0.84
CA LEU A 38 -14.91 -6.42 -1.34
C LEU A 38 -14.02 -6.83 -0.17
N GLY A 39 -14.45 -6.48 1.03
CA GLY A 39 -13.72 -6.82 2.24
C GLY A 39 -14.07 -5.91 3.40
N ARG A 40 -13.75 -6.36 4.61
CA ARG A 40 -13.93 -5.54 5.80
C ARG A 40 -12.78 -4.55 5.90
N GLY A 41 -13.10 -3.27 5.75
CA GLY A 41 -12.10 -2.22 5.65
C GLY A 41 -11.37 -1.87 6.94
N GLY A 42 -10.95 -0.62 7.04
CA GLY A 42 -10.25 -0.13 8.20
C GLY A 42 -11.16 0.65 9.12
N PHE A 43 -12.20 1.24 8.54
CA PHE A 43 -13.17 2.02 9.29
C PHE A 43 -14.59 1.61 8.93
N GLY A 44 -14.79 0.29 8.80
CA GLY A 44 -16.06 -0.26 8.37
C GLY A 44 -15.89 -1.34 7.32
N LYS A 45 -16.44 -1.10 6.12
CA LYS A 45 -16.36 -2.08 5.04
C LYS A 45 -16.27 -1.39 3.68
N VAL A 46 -15.72 -2.10 2.70
CA VAL A 46 -15.61 -1.57 1.35
C VAL A 46 -16.65 -2.25 0.44
N TYR A 47 -17.42 -1.44 -0.27
CA TYR A 47 -18.51 -1.92 -1.13
C TYR A 47 -18.31 -1.53 -2.59
N LYS A 48 -18.52 -2.48 -3.50
CA LYS A 48 -18.50 -2.17 -4.94
C LYS A 48 -19.89 -1.80 -5.44
N GLY A 49 -20.08 -0.55 -5.81
CA GLY A 49 -21.35 -0.12 -6.36
C GLY A 49 -21.21 0.48 -7.76
N ARG A 50 -22.35 0.85 -8.35
CA ARG A 50 -22.35 1.61 -9.59
C ARG A 50 -22.92 3.01 -9.37
N LEU A 51 -22.87 3.83 -10.39
CA LEU A 51 -23.47 5.16 -10.31
C LEU A 51 -24.40 5.36 -11.50
N ALA A 52 -25.33 6.16 -11.17
CA ALA A 52 -26.46 6.38 -12.10
C ALA A 52 -26.11 6.26 -13.57
N ASP A 53 -25.03 6.93 -13.97
CA ASP A 53 -24.57 6.89 -15.35
C ASP A 53 -23.89 5.55 -15.66
N GLY A 54 -22.85 5.22 -14.92
CA GLY A 54 -22.24 3.92 -15.12
C GLY A 54 -21.04 3.49 -14.28
N TPO A 55 -20.51 4.33 -13.27
CA TPO A 55 -19.16 4.06 -12.97
CB TPO A 55 -18.32 5.26 -12.73
CG2 TPO A 55 -17.62 5.70 -13.97
OG1 TPO A 55 -19.13 6.27 -12.26
P TPO A 55 -19.85 7.25 -13.23
O1P TPO A 55 -21.01 7.88 -12.49
O2P TPO A 55 -18.87 8.32 -13.65
O3P TPO A 55 -20.38 6.54 -14.46
C TPO A 55 -19.10 3.13 -11.81
O TPO A 55 -19.94 3.22 -10.92
N LEU A 56 -18.34 2.08 -11.93
CA LEU A 56 -17.90 1.22 -10.81
C LEU A 56 -17.14 2.04 -9.78
N VAL A 57 -17.61 2.10 -8.70
CA VAL A 57 -16.91 2.65 -7.56
C VAL A 57 -16.74 1.63 -6.46
N ALA A 58 -15.78 1.88 -5.58
CA ALA A 58 -15.69 1.19 -4.30
C ALA A 58 -15.96 2.24 -3.24
N VAL A 59 -16.74 1.89 -2.23
CA VAL A 59 -17.13 2.85 -1.20
C VAL A 59 -16.77 2.37 0.19
N LYS A 60 -16.28 3.30 1.00
CA LYS A 60 -15.94 3.02 2.40
C LYS A 60 -17.08 3.45 3.32
N ARG A 61 -17.56 2.51 4.12
CA ARG A 61 -18.62 2.79 5.08
C ARG A 61 -18.03 2.81 6.48
N LEU A 62 -18.42 3.80 7.28
CA LEU A 62 -17.96 3.88 8.67
C LEU A 62 -18.99 3.32 9.64
N LYS A 63 -18.52 2.54 10.61
CA LYS A 63 -19.36 2.12 11.73
C LYS A 63 -18.57 2.17 13.03
N GLU A 64 -19.07 2.95 14.00
CA GLU A 64 -18.36 3.26 15.24
C GLU A 64 -17.59 2.08 15.82
N GLY A 70 -12.28 8.45 19.26
CA GLY A 70 -12.19 9.70 18.50
C GLY A 70 -11.82 9.42 17.07
N GLU A 71 -12.02 10.40 16.20
CA GLU A 71 -11.78 10.18 14.76
C GLU A 71 -11.56 11.44 13.93
N LEU A 72 -12.66 12.00 13.40
CA LEU A 72 -12.61 13.05 12.37
C LEU A 72 -11.64 12.68 11.27
N GLN A 73 -11.23 11.42 11.26
CA GLN A 73 -10.27 10.89 10.30
C GLN A 73 -10.88 11.06 8.93
N PHE A 74 -12.17 11.34 8.95
CA PHE A 74 -12.95 11.46 7.73
C PHE A 74 -12.56 12.72 6.96
N GLN A 75 -12.66 13.87 7.61
CA GLN A 75 -12.44 15.15 6.93
C GLN A 75 -11.04 15.32 6.34
N THR A 76 -10.06 14.58 6.85
CA THR A 76 -8.73 14.62 6.26
C THR A 76 -8.69 13.83 4.94
N GLU A 77 -9.41 12.72 4.90
CA GLU A 77 -9.43 11.87 3.72
C GLU A 77 -10.24 12.55 2.63
N VAL A 78 -10.92 13.62 3.00
CA VAL A 78 -11.82 14.30 2.08
C VAL A 78 -11.17 15.51 1.42
N GLU A 79 -10.56 16.36 2.22
CA GLU A 79 -9.88 17.50 1.62
C GLU A 79 -8.47 17.15 1.20
N MET A 80 -8.12 15.88 1.33
CA MET A 80 -6.85 15.41 0.80
C MET A 80 -6.79 15.86 -0.64
N ILE A 81 -7.67 15.27 -1.45
CA ILE A 81 -7.83 15.65 -2.84
C ILE A 81 -7.29 17.06 -3.10
N SER A 82 -7.58 17.99 -2.20
CA SER A 82 -7.21 19.38 -2.41
C SER A 82 -5.75 19.67 -2.13
N MET A 83 -5.00 18.65 -1.70
CA MET A 83 -3.58 18.87 -1.39
C MET A 83 -2.68 17.85 -2.06
N ALA A 84 -3.27 16.79 -2.56
CA ALA A 84 -2.48 15.67 -3.05
C ALA A 84 -3.19 14.96 -4.21
N VAL A 85 -2.60 15.07 -5.40
CA VAL A 85 -3.13 14.42 -6.57
C VAL A 85 -1.98 13.94 -7.45
N HIS A 86 -2.17 12.81 -8.10
CA HIS A 86 -1.05 12.13 -8.70
C HIS A 86 -1.59 10.86 -9.31
N ARG A 87 -1.04 10.45 -10.45
CA ARG A 87 -1.62 9.29 -11.09
C ARG A 87 -1.38 8.01 -10.32
N ASN A 88 -0.38 8.00 -9.44
CA ASN A 88 -0.14 6.80 -8.65
C ASN A 88 -0.73 6.88 -7.24
N LEU A 89 -1.73 7.75 -7.09
CA LEU A 89 -2.46 7.90 -5.83
C LEU A 89 -3.94 7.79 -6.15
N LEU A 90 -4.62 6.93 -5.40
CA LEU A 90 -6.05 6.75 -5.59
C LEU A 90 -6.74 8.08 -5.43
N ARG A 91 -7.46 8.49 -6.47
CA ARG A 91 -8.17 9.75 -6.44
C ARG A 91 -9.56 9.54 -5.87
N LEU A 92 -9.90 10.34 -4.87
CA LEU A 92 -11.21 10.22 -4.22
C LEU A 92 -12.25 10.79 -5.17
N ARG A 93 -13.30 10.02 -5.45
CA ARG A 93 -14.35 10.53 -6.32
C ARG A 93 -15.28 11.45 -5.54
N GLY A 94 -15.73 11.01 -4.36
CA GLY A 94 -16.62 11.79 -3.53
C GLY A 94 -16.90 11.17 -2.16
N PHE A 95 -17.83 11.77 -1.43
CA PHE A 95 -18.14 11.31 -0.07
C PHE A 95 -19.62 11.41 0.30
N CYS A 96 -19.94 11.04 1.53
CA CYS A 96 -21.28 11.25 2.07
C CYS A 96 -21.24 11.59 3.55
N MET A 97 -21.78 12.76 3.92
CA MET A 97 -21.75 13.22 5.30
C MET A 97 -22.84 12.56 6.16
N THR A 98 -23.99 13.22 6.22
CA THR A 98 -25.11 12.80 7.06
C THR A 98 -24.80 12.88 8.55
N PRO A 99 -25.63 13.62 9.29
CA PRO A 99 -25.52 13.70 10.75
C PRO A 99 -25.45 12.32 11.40
N THR A 100 -25.48 11.28 10.57
CA THR A 100 -25.29 9.91 11.05
C THR A 100 -23.85 9.48 10.81
N GLU A 101 -23.67 8.47 9.97
CA GLU A 101 -22.33 8.00 9.61
C GLU A 101 -21.94 8.46 8.21
N ARG A 102 -20.65 8.36 7.89
CA ARG A 102 -20.09 9.00 6.71
C ARG A 102 -19.44 8.02 5.73
N LEU A 103 -19.25 8.44 4.47
CA LEU A 103 -18.79 7.52 3.43
C LEU A 103 -17.76 8.12 2.48
N LEU A 104 -16.87 7.28 1.95
CA LEU A 104 -15.88 7.70 0.98
C LEU A 104 -15.96 6.86 -0.28
N VAL A 105 -15.99 7.52 -1.43
CA VAL A 105 -16.15 6.82 -2.70
C VAL A 105 -14.94 7.01 -3.61
N TYR A 106 -14.22 5.91 -3.85
CA TYR A 106 -13.07 5.89 -4.74
C TYR A 106 -13.42 5.10 -6.00
N PRO A 107 -12.68 5.32 -7.11
CA PRO A 107 -12.93 4.46 -8.27
C PRO A 107 -12.72 3.00 -7.93
N TYR A 108 -13.60 2.13 -8.42
CA TYR A 108 -13.35 0.71 -8.33
C TYR A 108 -12.08 0.46 -9.13
N MET A 109 -11.24 -0.45 -8.65
CA MET A 109 -9.98 -0.69 -9.34
C MET A 109 -9.99 -2.04 -10.03
N ALA A 110 -10.06 -1.95 -11.36
CA ALA A 110 -10.15 -3.10 -12.25
C ALA A 110 -9.57 -4.37 -11.66
N ASN A 111 -8.27 -4.34 -11.36
CA ASN A 111 -7.57 -5.56 -10.96
C ASN A 111 -7.33 -5.76 -9.48
N GLY A 112 -8.00 -4.98 -8.63
CA GLY A 112 -7.85 -5.15 -7.19
C GLY A 112 -6.47 -4.88 -6.63
N SER A 113 -6.22 -5.33 -5.40
CA SER A 113 -4.97 -5.05 -4.71
C SER A 113 -3.86 -5.91 -5.27
N VAL A 114 -2.63 -5.52 -4.97
CA VAL A 114 -1.47 -6.33 -5.28
C VAL A 114 -1.57 -7.58 -4.38
N ALA A 115 -2.06 -7.38 -3.16
CA ALA A 115 -2.27 -8.49 -2.25
C ALA A 115 -3.09 -9.55 -2.96
N SER A 116 -4.34 -9.21 -3.26
CA SER A 116 -5.24 -10.15 -3.92
C SER A 116 -4.54 -10.88 -5.06
N CYS A 117 -3.97 -10.13 -5.99
CA CYS A 117 -3.33 -10.70 -7.17
C CYS A 117 -2.22 -11.65 -6.82
N LEU A 118 -1.70 -11.53 -5.61
CA LEU A 118 -0.66 -12.44 -5.14
C LEU A 118 -1.31 -13.50 -4.25
N ARG A 119 -2.21 -13.06 -3.38
CA ARG A 119 -2.79 -13.89 -2.31
C ARG A 119 -3.79 -14.88 -2.85
N GLU A 120 -4.62 -14.42 -3.79
CA GLU A 120 -5.64 -15.24 -4.41
C GLU A 120 -4.99 -16.15 -5.48
N ARG A 121 -5.52 -16.25 -6.71
CA ARG A 121 -6.67 -15.52 -7.21
C ARG A 121 -7.90 -16.41 -7.33
N PRO A 122 -8.97 -15.91 -7.96
CA PRO A 122 -10.18 -16.70 -8.19
C PRO A 122 -9.93 -17.95 -9.03
N GLU A 123 -11.03 -18.57 -9.47
CA GLU A 123 -11.00 -19.79 -10.29
C GLU A 123 -9.60 -20.32 -10.60
N SER A 124 -8.81 -19.51 -11.30
CA SER A 124 -7.45 -19.85 -11.68
C SER A 124 -6.89 -18.74 -12.56
N GLN A 125 -7.23 -17.50 -12.22
CA GLN A 125 -6.67 -16.34 -12.91
C GLN A 125 -5.16 -16.31 -12.73
N PRO A 126 -4.45 -15.72 -13.71
CA PRO A 126 -3.00 -15.85 -13.79
C PRO A 126 -2.28 -15.04 -12.72
N PRO A 127 -0.99 -15.31 -12.54
CA PRO A 127 -0.18 -14.59 -11.56
C PRO A 127 0.46 -13.38 -12.20
N LEU A 128 0.98 -12.48 -11.36
CA LEU A 128 1.67 -11.31 -11.86
C LEU A 128 3.06 -11.72 -12.32
N ASP A 129 3.30 -11.52 -13.61
CA ASP A 129 4.63 -11.70 -14.17
C ASP A 129 5.61 -10.70 -13.58
N TRP A 130 6.89 -10.95 -13.77
CA TRP A 130 7.93 -10.17 -13.13
C TRP A 130 8.01 -8.72 -13.60
N PRO A 131 7.89 -8.47 -14.92
CA PRO A 131 7.95 -7.06 -15.31
C PRO A 131 6.74 -6.26 -14.81
N LYS A 132 5.59 -6.90 -14.59
CA LYS A 132 4.47 -6.16 -13.99
C LYS A 132 4.77 -5.85 -12.54
N ARG A 133 5.57 -6.70 -11.91
CA ARG A 133 5.94 -6.46 -10.52
C ARG A 133 6.93 -5.32 -10.44
N GLN A 134 7.80 -5.21 -11.45
CA GLN A 134 8.73 -4.09 -11.51
C GLN A 134 8.01 -2.74 -11.72
N ARG A 135 7.04 -2.70 -12.62
CA ARG A 135 6.22 -1.49 -12.82
C ARG A 135 5.53 -1.09 -11.52
N ILE A 136 5.03 -2.08 -10.80
CA ILE A 136 4.26 -1.85 -9.57
C ILE A 136 5.12 -1.18 -8.51
N ALA A 137 6.27 -1.78 -8.23
CA ALA A 137 7.25 -1.15 -7.38
C ALA A 137 7.58 0.29 -7.77
N LEU A 138 7.73 0.55 -9.07
CA LEU A 138 8.09 1.90 -9.55
C LEU A 138 6.97 2.92 -9.32
N GLY A 139 5.79 2.65 -9.86
CA GLY A 139 4.71 3.60 -9.73
C GLY A 139 4.44 3.90 -8.26
N SER A 140 4.33 2.84 -7.47
CA SER A 140 3.92 3.03 -6.08
C SER A 140 4.94 3.89 -5.38
N ALA A 141 6.22 3.62 -5.60
CA ALA A 141 7.25 4.48 -5.00
C ALA A 141 7.06 5.90 -5.50
N ARG A 142 6.67 6.04 -6.77
CA ARG A 142 6.50 7.40 -7.32
C ARG A 142 5.42 8.11 -6.56
N GLY A 143 4.33 7.41 -6.27
CA GLY A 143 3.21 8.01 -5.57
C GLY A 143 3.61 8.41 -4.17
N LEU A 144 4.38 7.56 -3.50
CA LEU A 144 4.85 7.85 -2.14
C LEU A 144 5.84 9.00 -2.12
N ALA A 145 6.81 8.96 -3.04
CA ALA A 145 7.78 10.09 -3.16
C ALA A 145 7.07 11.43 -3.25
N TYR A 146 5.98 11.46 -3.99
CA TYR A 146 5.23 12.69 -4.11
C TYR A 146 4.59 13.10 -2.82
N LEU A 147 4.07 12.13 -2.05
CA LEU A 147 3.47 12.45 -0.77
C LEU A 147 4.46 13.11 0.16
N HIS A 148 5.70 12.68 0.10
CA HIS A 148 6.61 13.12 1.13
C HIS A 148 7.21 14.45 0.75
N ASP A 149 7.28 14.71 -0.55
CA ASP A 149 8.16 15.75 -1.03
C ASP A 149 7.50 16.93 -1.73
N HIS A 150 6.38 16.71 -2.39
CA HIS A 150 5.73 17.77 -3.18
C HIS A 150 4.36 18.19 -2.65
N CYS A 151 4.07 17.85 -1.40
CA CYS A 151 2.85 18.30 -0.74
C CYS A 151 3.11 19.27 0.42
N ASP A 152 2.23 20.27 0.57
CA ASP A 152 2.44 21.40 1.51
C ASP A 152 2.76 20.95 2.90
N PRO A 153 1.73 20.59 3.70
CA PRO A 153 2.19 19.72 4.76
C PRO A 153 2.59 18.45 4.05
N LYS A 154 3.73 17.88 4.43
CA LYS A 154 4.07 16.57 3.94
C LYS A 154 2.97 15.61 4.42
N ILE A 155 2.76 14.52 3.70
CA ILE A 155 1.73 13.57 4.06
C ILE A 155 2.36 12.24 4.36
N ILE A 156 2.19 11.77 5.59
CA ILE A 156 2.65 10.46 6.01
C ILE A 156 1.50 9.49 5.78
N HIS A 157 1.74 8.43 5.04
CA HIS A 157 0.65 7.56 4.62
C HIS A 157 0.23 6.60 5.73
N ARG A 158 1.19 5.85 6.27
CA ARG A 158 0.99 5.02 7.48
C ARG A 158 0.42 3.63 7.23
N ASP A 159 0.05 3.33 5.99
CA ASP A 159 -0.52 2.02 5.72
C ASP A 159 0.02 1.45 4.43
N VAL A 160 1.32 1.61 4.20
CA VAL A 160 1.92 1.06 3.00
C VAL A 160 2.06 -0.46 3.06
N LYS A 161 1.37 -1.17 2.17
CA LYS A 161 1.41 -2.62 2.10
C LYS A 161 0.71 -3.07 0.84
N ALA A 162 0.91 -4.33 0.43
CA ALA A 162 0.37 -4.81 -0.85
C ALA A 162 -1.15 -4.71 -0.93
N ALA A 163 -1.81 -4.82 0.21
CA ALA A 163 -3.26 -4.76 0.26
C ALA A 163 -3.71 -3.36 -0.07
N ASN A 164 -2.82 -2.40 0.18
CA ASN A 164 -3.17 -1.01 0.04
C ASN A 164 -2.63 -0.37 -1.25
N ILE A 165 -1.96 -1.15 -2.09
CA ILE A 165 -1.61 -0.73 -3.46
C ILE A 165 -2.60 -1.37 -4.43
N LEU A 166 -3.38 -0.53 -5.12
CA LEU A 166 -4.38 -1.03 -6.07
C LEU A 166 -3.93 -0.93 -7.53
N LEU A 167 -4.46 -1.82 -8.37
CA LEU A 167 -4.07 -1.91 -9.77
C LEU A 167 -5.18 -1.48 -10.73
N ASP A 168 -4.84 -0.59 -11.68
CA ASP A 168 -5.79 -0.13 -12.69
C ASP A 168 -5.96 -1.20 -13.77
N GLU A 169 -6.68 -0.86 -14.84
CA GLU A 169 -6.95 -1.84 -15.89
C GLU A 169 -5.66 -2.26 -16.58
N GLU A 170 -4.74 -1.31 -16.75
CA GLU A 170 -3.44 -1.62 -17.32
C GLU A 170 -2.44 -2.04 -16.26
N PHE A 171 -2.96 -2.40 -15.09
CA PHE A 171 -2.11 -2.92 -14.02
C PHE A 171 -1.07 -1.94 -13.50
N GLU A 172 -1.35 -0.65 -13.59
CA GLU A 172 -0.46 0.33 -12.96
C GLU A 172 -0.86 0.47 -11.51
N ALA A 173 0.14 0.63 -10.64
CA ALA A 173 -0.11 0.81 -9.23
C ALA A 173 -0.66 2.18 -8.86
N VAL A 174 -1.70 2.15 -8.05
CA VAL A 174 -2.22 3.31 -7.37
C VAL A 174 -2.22 3.05 -5.85
N VAL A 175 -1.70 4.00 -5.07
CA VAL A 175 -1.71 3.87 -3.63
C VAL A 175 -3.04 4.33 -3.05
N GLY A 176 -3.71 3.43 -2.33
CA GLY A 176 -5.04 3.70 -1.81
C GLY A 176 -5.18 3.76 -0.30
N ASP A 177 -6.43 3.72 0.17
CA ASP A 177 -6.77 3.75 1.60
C ASP A 177 -5.94 4.72 2.43
N PHE A 178 -6.42 5.96 2.50
CA PHE A 178 -5.77 7.01 3.27
C PHE A 178 -6.44 7.16 4.65
N GLY A 179 -6.72 6.03 5.28
CA GLY A 179 -7.32 6.00 6.60
C GLY A 179 -6.37 6.48 7.66
N LEU A 180 -5.13 6.00 7.58
CA LEU A 180 -4.12 6.29 8.59
C LEU A 180 -3.18 7.47 8.23
N ALA A 181 -3.41 8.10 7.09
CA ALA A 181 -2.55 9.20 6.63
C ALA A 181 -2.51 10.38 7.62
N LYS A 182 -1.32 10.93 7.85
CA LYS A 182 -1.18 12.09 8.73
C LYS A 182 -0.52 13.28 8.02
N LEU A 183 -0.99 14.48 8.34
CA LEU A 183 -0.38 15.67 7.79
C LEU A 183 0.68 16.16 8.77
N MET A 184 1.88 16.36 8.26
CA MET A 184 2.98 16.83 9.10
C MET A 184 3.03 18.36 9.19
N ASP A 185 3.94 18.93 8.40
CA ASP A 185 4.58 20.19 8.73
C ASP A 185 5.72 19.81 9.67
N TYR A 186 5.50 19.95 10.97
CA TYR A 186 6.49 19.57 11.99
C TYR A 186 7.85 19.26 11.36
N LYS A 187 8.43 20.24 10.65
CA LYS A 187 9.68 20.08 9.93
C LYS A 187 9.90 18.68 9.33
N ASP A 188 11.11 18.16 9.48
CA ASP A 188 11.46 16.82 9.01
C ASP A 188 11.09 15.85 10.10
N TPO A 189 11.11 16.36 11.51
CA TPO A 189 10.78 15.04 12.00
CB TPO A 189 11.80 14.59 13.00
CG2 TPO A 189 12.98 15.49 12.90
OG1 TPO A 189 11.27 14.71 14.26
P TPO A 189 11.65 13.77 15.46
O1P TPO A 189 10.72 14.02 16.63
O2P TPO A 189 11.47 12.34 15.03
O3P TPO A 189 13.07 14.04 15.90
C TPO A 189 9.39 15.00 12.57
O TPO A 189 9.03 15.80 13.43
N HIS A 190 9.28 13.68 12.67
CA HIS A 190 8.27 13.24 13.64
C HIS A 190 6.75 13.60 13.44
N VAL A 191 5.85 12.57 13.66
CA VAL A 191 4.43 12.84 13.94
C VAL A 191 3.91 11.90 15.02
N TPO A 192 3.86 12.39 16.26
CA TPO A 192 3.45 11.57 17.38
CB TPO A 192 3.75 12.25 18.67
CG2 TPO A 192 4.50 11.31 19.54
OG1 TPO A 192 4.56 13.34 18.42
P TPO A 192 4.54 14.66 19.27
O1P TPO A 192 5.36 15.73 18.60
O2P TPO A 192 3.12 15.16 19.38
O3P TPO A 192 5.13 14.39 20.65
C TPO A 192 2.00 11.19 17.28
O TPO A 192 1.13 12.04 17.13
N TPO A 193 1.75 9.88 17.33
CA TPO A 193 0.43 9.33 17.25
CB TPO A 193 -0.14 9.59 15.89
CG2 TPO A 193 -0.20 8.34 15.08
OG1 TPO A 193 -1.41 10.11 16.06
P TPO A 193 -2.66 9.19 16.16
O1P TPO A 193 -3.76 9.99 16.82
O2P TPO A 193 -3.08 8.78 14.77
O3P TPO A 193 -2.39 7.96 17.01
C TPO A 193 0.52 7.87 17.50
O TPO A 193 1.55 7.27 17.22
N ALA A 194 -0.55 7.27 18.03
CA ALA A 194 -0.52 5.87 18.46
C ALA A 194 -0.31 4.91 17.30
N VAL A 195 0.34 3.78 17.60
CA VAL A 195 0.69 2.79 16.60
C VAL A 195 -0.50 1.95 16.14
N ARG A 196 -0.84 2.07 14.86
CA ARG A 196 -1.81 1.17 14.26
C ARG A 196 -1.41 0.73 12.84
N GLY A 197 -2.23 -0.14 12.24
CA GLY A 197 -1.81 -1.01 11.14
C GLY A 197 -1.67 -2.42 11.69
N TPO A 198 -0.99 -3.30 10.96
CA TPO A 198 -0.68 -4.62 11.48
CB TPO A 198 -1.11 -5.75 10.58
CG2 TPO A 198 -2.48 -6.23 10.94
OG1 TPO A 198 -1.02 -5.40 9.26
P TPO A 198 0.06 -6.10 8.38
O1P TPO A 198 0.95 -5.03 7.75
O2P TPO A 198 0.90 -7.01 9.24
O3P TPO A 198 -0.61 -6.89 7.27
C TPO A 198 0.80 -4.74 11.67
O TPO A 198 1.59 -4.00 11.10
N ILE A 199 1.18 -5.73 12.47
CA ILE A 199 2.57 -5.95 12.86
C ILE A 199 3.55 -6.06 11.69
N GLY A 200 3.16 -6.75 10.63
CA GLY A 200 4.06 -6.96 9.51
C GLY A 200 4.79 -5.75 8.92
N HIS A 201 4.14 -4.58 8.92
CA HIS A 201 4.71 -3.42 8.20
C HIS A 201 5.14 -2.21 9.03
N ILE A 202 5.23 -2.37 10.35
CA ILE A 202 5.53 -1.28 11.27
C ILE A 202 7.03 -1.20 11.46
N ALA A 203 7.60 -0.01 11.37
CA ALA A 203 9.04 0.16 11.53
C ALA A 203 9.41 -0.03 13.00
N PRO A 204 10.63 -0.48 13.28
CA PRO A 204 11.00 -0.75 14.67
C PRO A 204 10.95 0.51 15.55
N GLU A 205 11.48 1.60 15.01
CA GLU A 205 11.48 2.86 15.73
C GLU A 205 10.04 3.32 15.97
N TYR A 206 9.14 2.96 15.06
CA TYR A 206 7.76 3.43 15.14
C TYR A 206 7.09 2.77 16.34
N LEU A 207 7.04 1.45 16.35
CA LEU A 207 6.48 0.79 17.51
C LEU A 207 7.25 1.21 18.76
N SER A 208 8.58 1.23 18.67
CA SER A 208 9.42 1.60 19.79
C SER A 208 9.10 2.96 20.38
N THR A 209 8.95 3.96 19.50
CA THR A 209 8.91 5.35 19.92
C THR A 209 7.57 6.05 19.66
N GLY A 210 6.57 5.30 19.18
CA GLY A 210 5.26 5.87 18.88
C GLY A 210 5.25 7.01 17.87
N LYS A 211 6.37 7.22 17.17
CA LYS A 211 6.47 8.31 16.18
C LYS A 211 6.49 7.77 14.76
N SER A 212 5.75 8.44 13.87
CA SER A 212 5.76 8.11 12.45
C SER A 212 6.30 9.27 11.64
N SER A 213 6.81 8.94 10.47
CA SER A 213 7.57 9.88 9.70
C SER A 213 7.68 9.26 8.33
N GLU A 214 8.38 9.94 7.44
CA GLU A 214 8.53 9.43 6.09
C GLU A 214 9.32 8.12 6.03
N LYS A 215 10.24 7.96 6.97
CA LYS A 215 11.08 6.77 7.04
C LYS A 215 10.31 5.54 7.55
N THR A 216 9.22 5.76 8.27
CA THR A 216 8.36 4.63 8.62
C THR A 216 7.52 4.23 7.38
N ASP A 217 7.22 5.17 6.49
CA ASP A 217 6.61 4.79 5.20
C ASP A 217 7.63 3.98 4.40
N VAL A 218 8.87 4.43 4.39
CA VAL A 218 9.91 3.76 3.61
C VAL A 218 10.02 2.29 4.02
N PHE A 219 10.11 2.04 5.33
CA PHE A 219 10.11 0.68 5.85
C PHE A 219 8.89 -0.06 5.31
N GLY A 220 7.70 0.53 5.45
CA GLY A 220 6.52 -0.17 4.96
C GLY A 220 6.64 -0.52 3.47
N TYR A 221 7.20 0.40 2.72
CA TYR A 221 7.28 0.21 1.29
C TYR A 221 8.25 -0.90 1.03
N GLY A 222 9.35 -0.92 1.75
CA GLY A 222 10.32 -1.99 1.59
C GLY A 222 9.76 -3.37 1.98
N VAL A 223 8.84 -3.43 2.96
CA VAL A 223 8.16 -4.71 3.22
C VAL A 223 7.19 -5.02 2.11
N MET A 224 6.49 -4.01 1.62
CA MET A 224 5.62 -4.19 0.45
C MET A 224 6.39 -4.94 -0.63
N LEU A 225 7.62 -4.52 -0.92
CA LEU A 225 8.40 -5.15 -1.99
C LEU A 225 8.71 -6.63 -1.69
N LEU A 226 8.94 -6.94 -0.43
CA LEU A 226 9.25 -8.32 -0.09
C LEU A 226 8.07 -9.18 -0.46
N GLU A 227 6.87 -8.64 -0.26
CA GLU A 227 5.64 -9.34 -0.60
C GLU A 227 5.54 -9.58 -2.10
N LEU A 228 5.89 -8.56 -2.88
CA LEU A 228 5.80 -8.61 -4.34
C LEU A 228 6.77 -9.65 -4.85
N ILE A 229 7.93 -9.70 -4.24
CA ILE A 229 8.96 -10.64 -4.65
C ILE A 229 8.69 -12.07 -4.19
N THR A 230 8.32 -12.26 -2.91
CA THR A 230 8.13 -13.60 -2.35
C THR A 230 6.76 -14.17 -2.65
N GLY A 231 5.76 -13.31 -2.65
CA GLY A 231 4.37 -13.71 -2.71
C GLY A 231 3.80 -13.96 -1.31
N GLN A 232 4.58 -13.65 -0.28
CA GLN A 232 4.19 -13.98 1.09
C GLN A 232 3.65 -12.79 1.86
N ARG A 233 2.85 -13.07 2.87
CA ARG A 233 2.42 -12.04 3.81
C ARG A 233 3.61 -11.67 4.68
N ALA A 234 3.56 -10.50 5.29
CA ALA A 234 4.70 -10.01 6.06
C ALA A 234 4.84 -10.72 7.39
N PHE A 235 3.71 -10.98 8.04
CA PHE A 235 3.64 -11.74 9.30
C PHE A 235 2.77 -12.99 9.09
N ASP A 236 3.36 -14.17 9.14
CA ASP A 236 2.59 -15.38 8.81
C ASP A 236 2.84 -16.58 9.73
N LEU A 237 1.85 -16.86 10.58
CA LEU A 237 1.88 -18.02 11.46
C LEU A 237 2.15 -19.34 10.71
N ALA A 238 1.66 -19.46 9.48
CA ALA A 238 1.93 -20.67 8.68
C ALA A 238 3.43 -20.94 8.52
N ARG A 239 4.24 -19.89 8.37
CA ARG A 239 5.69 -20.07 8.41
C ARG A 239 6.13 -20.58 9.79
N LEU A 240 5.38 -20.22 10.82
CA LEU A 240 5.76 -20.66 12.15
C LEU A 240 5.47 -22.15 12.25
N ALA A 241 4.22 -22.53 11.96
CA ALA A 241 3.89 -23.93 11.74
C ALA A 241 5.05 -24.73 11.17
N ASN A 242 6.09 -24.06 10.66
CA ASN A 242 7.34 -24.74 10.33
C ASN A 242 8.49 -24.26 11.20
N ASP A 243 9.70 -24.44 10.71
CA ASP A 243 10.84 -23.92 11.43
C ASP A 243 11.26 -22.61 10.77
N ASP A 244 10.27 -21.90 10.21
CA ASP A 244 10.49 -20.65 9.48
C ASP A 244 10.10 -19.42 10.30
N ASP A 245 10.76 -18.31 10.00
CA ASP A 245 10.52 -17.07 10.72
C ASP A 245 9.12 -16.56 10.47
N VAL A 246 8.49 -16.06 11.52
CA VAL A 246 7.18 -15.43 11.41
C VAL A 246 7.29 -14.14 10.60
N MET A 247 8.48 -13.55 10.64
CA MET A 247 8.69 -12.25 10.01
C MET A 247 9.30 -12.40 8.62
N LEU A 248 8.51 -12.02 7.63
CA LEU A 248 8.97 -11.99 6.23
C LEU A 248 10.42 -11.56 6.07
N LEU A 249 10.76 -10.40 6.63
CA LEU A 249 12.11 -9.87 6.47
C LEU A 249 13.15 -10.89 6.91
N ASP A 250 12.94 -11.41 8.12
CA ASP A 250 13.81 -12.46 8.69
C ASP A 250 13.92 -13.64 7.74
N TRP A 251 12.78 -14.11 7.25
CA TRP A 251 12.74 -15.28 6.38
C TRP A 251 13.67 -15.06 5.18
N VAL A 252 13.43 -13.96 4.47
CA VAL A 252 14.18 -13.65 3.27
C VAL A 252 15.66 -13.57 3.55
N LYS A 253 16.02 -12.89 4.63
CA LYS A 253 17.42 -12.78 4.95
C LYS A 253 18.00 -14.19 5.11
N GLY A 254 17.15 -15.19 4.86
CA GLY A 254 17.59 -16.55 4.60
C GLY A 254 18.07 -16.59 3.16
N LEU A 255 18.76 -15.51 2.80
CA LEU A 255 19.26 -15.26 1.45
C LEU A 255 20.77 -15.36 1.55
N LEU A 256 21.36 -14.33 2.14
CA LEU A 256 22.79 -14.25 2.38
C LEU A 256 23.35 -15.60 2.77
N LYS A 257 22.71 -16.26 3.74
CA LYS A 257 23.11 -17.61 4.09
C LYS A 257 22.66 -18.56 2.99
N GLU A 258 21.77 -19.47 3.35
CA GLU A 258 21.22 -20.40 2.38
C GLU A 258 21.12 -19.70 1.04
N LYS A 259 22.06 -20.04 0.15
CA LYS A 259 22.06 -19.47 -1.18
C LYS A 259 20.69 -19.71 -1.80
N LYS A 260 20.53 -19.28 -3.04
CA LYS A 260 19.30 -19.55 -3.77
C LYS A 260 18.19 -18.56 -3.47
N LEU A 261 17.92 -17.63 -4.39
CA LEU A 261 16.64 -16.97 -4.40
C LEU A 261 15.70 -18.14 -4.53
N GLU A 262 15.34 -18.43 -5.77
CA GLU A 262 14.76 -19.71 -6.13
C GLU A 262 13.71 -20.16 -5.13
N ALA A 263 14.16 -20.55 -3.94
CA ALA A 263 13.24 -20.92 -2.88
C ALA A 263 12.50 -19.68 -2.34
N LEU A 264 13.21 -18.55 -2.26
CA LEU A 264 12.58 -17.35 -1.72
C LEU A 264 11.68 -16.65 -2.72
N VAL A 265 12.17 -16.45 -3.94
CA VAL A 265 11.37 -15.85 -5.00
C VAL A 265 10.02 -16.55 -5.19
N ASP A 266 8.96 -15.79 -5.43
CA ASP A 266 7.60 -16.34 -5.60
C ASP A 266 7.48 -17.51 -6.61
N VAL A 267 7.28 -18.71 -6.08
CA VAL A 267 7.09 -19.91 -6.89
C VAL A 267 6.28 -19.71 -8.18
N ASP A 268 5.31 -18.80 -8.16
CA ASP A 268 4.46 -18.54 -9.32
C ASP A 268 5.19 -17.87 -10.48
N LEU A 269 6.42 -17.43 -10.24
CA LEU A 269 7.20 -16.71 -11.25
C LEU A 269 7.98 -17.62 -12.21
N GLN A 270 8.52 -18.72 -11.68
CA GLN A 270 9.42 -19.61 -12.42
C GLN A 270 9.88 -19.03 -13.76
N GLY A 271 9.08 -19.29 -14.80
CA GLY A 271 9.31 -18.80 -16.15
C GLY A 271 10.07 -17.50 -16.26
N ASN A 272 9.64 -16.48 -15.52
CA ASN A 272 10.14 -15.12 -15.72
C ASN A 272 11.51 -14.79 -15.15
N TYR A 273 11.60 -13.59 -14.62
CA TYR A 273 12.80 -13.01 -14.02
C TYR A 273 14.17 -13.56 -14.43
N LYS A 274 15.10 -12.62 -14.55
CA LYS A 274 16.53 -12.90 -14.63
C LYS A 274 17.13 -12.65 -13.25
N ASP A 275 17.90 -13.61 -12.74
CA ASP A 275 18.53 -13.51 -11.43
C ASP A 275 18.78 -12.08 -10.96
N GLU A 276 19.49 -11.33 -11.79
CA GLU A 276 19.97 -10.02 -11.41
C GLU A 276 18.83 -9.01 -11.30
N GLU A 277 17.74 -9.24 -12.00
CA GLU A 277 16.55 -8.41 -11.86
C GLU A 277 16.10 -8.39 -10.39
N VAL A 278 15.70 -9.56 -9.91
CA VAL A 278 15.26 -9.78 -8.52
C VAL A 278 16.28 -9.36 -7.49
N GLU A 279 17.50 -9.87 -7.58
CA GLU A 279 18.55 -9.36 -6.73
C GLU A 279 18.47 -7.84 -6.61
N GLN A 280 18.26 -7.14 -7.73
CA GLN A 280 18.13 -5.67 -7.70
C GLN A 280 17.01 -5.18 -6.76
N LEU A 281 15.80 -5.67 -6.96
CA LEU A 281 14.67 -5.22 -6.17
C LEU A 281 14.90 -5.58 -4.70
N ILE A 282 15.51 -6.72 -4.48
CA ILE A 282 15.71 -7.18 -3.12
C ILE A 282 16.62 -6.24 -2.36
N GLN A 283 17.71 -5.83 -3.03
CA GLN A 283 18.65 -4.92 -2.40
C GLN A 283 17.88 -3.69 -1.97
N VAL A 284 16.97 -3.27 -2.84
CA VAL A 284 16.19 -2.08 -2.56
C VAL A 284 15.32 -2.34 -1.32
N ALA A 285 14.58 -3.44 -1.33
CA ALA A 285 13.75 -3.80 -0.17
C ALA A 285 14.63 -3.85 1.05
N LEU A 286 15.72 -4.60 0.97
CA LEU A 286 16.65 -4.62 2.08
C LEU A 286 17.09 -3.23 2.55
N LEU A 287 17.41 -2.33 1.61
CA LEU A 287 17.87 -1.00 2.00
C LEU A 287 16.78 -0.23 2.75
N CYS A 288 15.53 -0.44 2.36
CA CYS A 288 14.40 0.29 2.93
C CYS A 288 13.95 -0.22 4.31
N THR A 289 14.31 -1.46 4.65
CA THR A 289 13.89 -2.05 5.92
C THR A 289 15.04 -2.18 6.91
N GLN A 290 16.11 -1.42 6.70
CA GLN A 290 17.18 -1.35 7.68
C GLN A 290 16.66 -0.84 9.00
N SER A 291 17.14 -1.39 10.11
CA SER A 291 16.63 -1.01 11.42
C SER A 291 16.92 0.46 11.72
N SER A 292 17.92 1.03 11.06
CA SER A 292 18.23 2.45 11.26
C SER A 292 17.53 3.33 10.24
N PRO A 293 16.62 4.20 10.69
CA PRO A 293 15.82 5.03 9.78
C PRO A 293 16.68 5.95 8.92
N MET A 294 17.78 6.44 9.50
CA MET A 294 18.66 7.40 8.82
C MET A 294 19.34 6.82 7.59
N GLU A 295 19.60 5.53 7.60
CA GLU A 295 20.30 4.92 6.48
C GLU A 295 19.36 4.41 5.41
N ARG A 296 18.07 4.46 5.69
CA ARG A 296 17.07 4.07 4.68
C ARG A 296 17.04 5.14 3.59
N PRO A 297 16.78 4.74 2.33
CA PRO A 297 16.64 5.78 1.30
C PRO A 297 15.38 6.58 1.55
N LYS A 298 15.35 7.80 1.02
CA LYS A 298 14.14 8.57 0.83
C LYS A 298 13.44 7.95 -0.35
N MET A 299 12.13 8.08 -0.44
CA MET A 299 11.44 7.45 -1.58
C MET A 299 11.94 7.95 -2.95
N SER A 300 12.33 9.22 -3.02
CA SER A 300 12.83 9.75 -4.30
C SER A 300 14.12 9.04 -4.66
N GLU A 301 14.96 8.79 -3.65
CA GLU A 301 16.13 7.93 -3.88
C GLU A 301 15.70 6.56 -4.34
N VAL A 302 14.64 6.04 -3.74
CA VAL A 302 14.14 4.74 -4.17
C VAL A 302 13.77 4.79 -5.66
N VAL A 303 12.99 5.79 -6.04
CA VAL A 303 12.62 5.90 -7.44
C VAL A 303 13.88 5.91 -8.29
N ARG A 304 14.83 6.76 -7.92
CA ARG A 304 16.08 6.83 -8.67
C ARG A 304 16.61 5.42 -8.92
N MET A 305 16.75 4.64 -7.85
CA MET A 305 17.34 3.31 -7.97
C MET A 305 16.50 2.41 -8.85
N LEU A 306 15.19 2.42 -8.66
CA LEU A 306 14.34 1.70 -9.59
C LEU A 306 14.55 2.27 -10.99
N GLU A 307 14.89 3.55 -11.08
CA GLU A 307 15.10 4.18 -12.38
C GLU A 307 16.48 3.91 -12.97
N GLY A 308 17.43 3.47 -12.15
CA GLY A 308 18.72 3.05 -12.66
C GLY A 308 19.89 3.71 -11.94
N ASP A 309 19.61 4.82 -11.26
CA ASP A 309 20.66 5.64 -10.66
C ASP A 309 21.02 5.20 -9.25
N GLY A 310 22.23 4.65 -9.10
CA GLY A 310 22.91 4.60 -7.81
C GLY A 310 22.49 3.57 -6.77
N LEU A 311 22.52 2.29 -7.13
CA LEU A 311 22.16 1.23 -6.21
C LEU A 311 23.36 0.37 -5.85
N ALA A 312 24.19 0.09 -6.86
CA ALA A 312 25.33 -0.78 -6.70
C ALA A 312 26.15 -0.44 -5.46
N GLU A 313 26.35 0.85 -5.23
CA GLU A 313 27.22 1.31 -4.15
C GLU A 313 26.47 1.76 -2.91
N ARG A 314 25.16 1.91 -3.04
CA ARG A 314 24.34 2.38 -1.94
C ARG A 314 24.59 1.58 -0.66
N TRP A 315 25.29 0.47 -0.77
CA TRP A 315 25.47 -0.35 0.42
C TRP A 315 26.91 -0.79 0.73
N GLU A 316 27.10 -1.21 1.97
CA GLU A 316 28.38 -1.69 2.46
C GLU A 316 28.29 -3.13 2.96
PG ANP B . -5.85 -5.57 5.36
O1G ANP B . -6.66 -6.02 4.08
O2G ANP B . -4.37 -6.03 5.21
O3G ANP B . -6.44 -6.24 6.57
PB ANP B . -7.34 -3.17 5.19
O1B ANP B . -7.40 -1.72 5.79
O2B ANP B . -8.46 -3.98 5.87
N3B ANP B . -5.88 -3.91 5.56
PA ANP B . -8.90 -2.87 2.92
O1A ANP B . -9.12 -1.43 2.48
O2A ANP B . -10.03 -3.27 3.86
O3A ANP B . -7.49 -3.03 3.63
O5' ANP B . -8.98 -3.81 1.66
C5' ANP B . -10.10 -4.62 1.55
C4' ANP B . -10.43 -4.99 0.22
O4' ANP B . -11.06 -3.85 -0.43
C3' ANP B . -9.15 -5.23 -0.46
O3' ANP B . -8.99 -6.57 -0.74
C2' ANP B . -9.17 -4.39 -1.67
O2' ANP B . -8.95 -5.16 -2.76
C1' ANP B . -10.53 -3.78 -1.73
N9 ANP B . -10.58 -2.42 -2.28
C8 ANP B . -10.50 -1.28 -1.57
N7 ANP B . -10.66 -0.23 -2.40
C5 ANP B . -10.84 -0.70 -3.65
C6 ANP B . -11.04 -0.09 -4.90
N6 ANP B . -11.11 1.32 -5.04
N1 ANP B . -11.19 -0.89 -5.97
C2 ANP B . -11.15 -2.23 -5.87
N3 ANP B . -10.95 -2.83 -4.68
C4 ANP B . -10.80 -2.09 -3.58
#